data_1Y37
#
_entry.id   1Y37
#
_cell.length_a   85.942
_cell.length_b   137.631
_cell.length_c   52.920
_cell.angle_alpha   90.00
_cell.angle_beta   95.09
_cell.angle_gamma   90.00
#
_symmetry.space_group_name_H-M   'C 1 2 1'
#
loop_
_entity.id
_entity.type
_entity.pdbx_description
1 polymer 'Fluoroacetate Dehalogenase'
2 non-polymer 'MAGNESIUM ION'
3 water water
#
_entity_poly.entity_id   1
_entity_poly.type   'polypeptide(L)'
_entity_poly.pdbx_seq_one_letter_code
;MFEGFERRLVDVGDVTINCVVGGSGPALLLLHGFPQNLHMWARVAPLLANEYTVVCADLRGYGGSSKPVGAPDHANYSFR
AMASDQRELMRTLGFERFHLVGHDRGGRTGHRMALDHPDSVLSLAVLDIIPTYVMFEEVDRFVARAYWHWYFLQQPAPYP
EKVIGADPDTFYEGCLFGWGATGADGFDPEQLEEYRKQWRDPAAIHGSCCDYRAGGTIDFELDHGDLGRQVQCPALVFSG
SAGLMHSLFEMQVVWAPRLANMRFASLPGGHFFVDRFPDDTARILREFLSDARSGIHQTERRES
;
_entity_poly.pdbx_strand_id   A,B
#
# COMPACT_ATOMS: atom_id res chain seq x y z
N MET A 1 -16.70 19.57 24.85
CA MET A 1 -15.34 19.00 25.19
C MET A 1 -14.32 20.06 25.63
N PHE A 2 -13.35 19.60 26.39
CA PHE A 2 -12.31 20.48 26.90
C PHE A 2 -12.93 21.66 27.68
N GLU A 3 -14.01 21.36 28.42
CA GLU A 3 -14.69 22.35 29.26
C GLU A 3 -13.61 23.13 30.04
N GLY A 4 -13.64 24.46 29.97
CA GLY A 4 -12.66 25.25 30.71
C GLY A 4 -11.27 25.47 30.11
N PHE A 5 -10.88 24.69 29.12
CA PHE A 5 -9.55 24.89 28.50
C PHE A 5 -9.64 26.13 27.60
N GLU A 6 -8.51 26.81 27.45
CA GLU A 6 -8.44 27.98 26.58
C GLU A 6 -8.16 27.44 25.17
N ARG A 7 -8.86 27.98 24.20
CA ARG A 7 -8.64 27.53 22.82
C ARG A 7 -7.79 28.63 22.15
N ARG A 8 -6.65 28.26 21.56
CA ARG A 8 -5.75 29.20 20.90
C ARG A 8 -5.19 28.78 19.53
N LEU A 9 -5.10 29.74 18.60
CA LEU A 9 -4.54 29.54 17.27
C LEU A 9 -3.27 30.40 17.36
N VAL A 10 -2.11 29.78 17.47
CA VAL A 10 -0.86 30.51 17.68
C VAL A 10 0.06 30.58 16.46
N ASP A 11 0.41 31.79 16.02
CA ASP A 11 1.37 31.88 14.92
C ASP A 11 2.77 31.49 15.40
N VAL A 12 3.40 30.54 14.72
CA VAL A 12 4.74 30.07 15.07
C VAL A 12 5.50 29.98 13.74
N GLY A 13 6.48 30.84 13.51
CA GLY A 13 7.19 30.80 12.25
C GLY A 13 6.19 31.08 11.10
N ASP A 14 6.22 30.23 10.07
CA ASP A 14 5.35 30.39 8.91
C ASP A 14 4.05 29.58 9.00
N VAL A 15 3.75 29.01 10.16
CA VAL A 15 2.46 28.30 10.29
C VAL A 15 1.75 28.69 11.57
N THR A 16 0.48 28.37 11.65
CA THR A 16 -0.29 28.63 12.84
C THR A 16 -0.71 27.28 13.42
N ILE A 17 -0.49 27.10 14.71
CA ILE A 17 -0.81 25.84 15.37
C ILE A 17 -2.05 26.01 16.22
N ASN A 18 -3.01 25.12 16.04
CA ASN A 18 -4.24 25.14 16.79
C ASN A 18 -4.03 24.29 18.05
N CYS A 19 -4.44 24.79 19.21
CA CYS A 19 -4.28 24.03 20.45
C CYS A 19 -5.31 24.43 21.54
N VAL A 20 -5.38 23.59 22.57
CA VAL A 20 -6.18 23.91 23.74
C VAL A 20 -5.19 23.79 24.90
N VAL A 21 -5.37 24.64 25.91
CA VAL A 21 -4.49 24.67 27.08
C VAL A 21 -5.34 24.66 28.36
N GLY A 22 -4.98 23.83 29.33
CA GLY A 22 -5.80 23.78 30.53
C GLY A 22 -4.99 23.25 31.69
N GLY A 23 -5.45 23.47 32.90
CA GLY A 23 -4.73 22.96 34.03
C GLY A 23 -3.71 23.90 34.65
N SER A 24 -2.91 23.33 35.52
CA SER A 24 -1.82 24.00 36.24
C SER A 24 -0.78 22.98 36.59
N GLY A 25 0.45 23.43 36.80
CA GLY A 25 1.54 22.52 37.09
C GLY A 25 2.49 22.52 35.88
N PRO A 26 3.47 21.61 35.90
CA PRO A 26 4.48 21.47 34.83
C PRO A 26 3.75 21.34 33.51
N ALA A 27 4.36 21.78 32.42
CA ALA A 27 3.68 21.66 31.11
C ALA A 27 3.78 20.24 30.56
N LEU A 28 2.71 19.85 29.89
CA LEU A 28 2.57 18.55 29.28
C LEU A 28 1.90 18.74 27.95
N LEU A 29 2.68 18.45 26.89
CA LEU A 29 2.18 18.57 25.52
C LEU A 29 1.74 17.20 25.03
N LEU A 30 0.48 17.11 24.57
CA LEU A 30 -0.06 15.82 24.06
C LEU A 30 -0.23 15.97 22.54
N LEU A 31 0.47 15.12 21.78
CA LEU A 31 0.40 15.18 20.31
C LEU A 31 -0.26 13.92 19.75
N HIS A 32 -1.31 14.17 18.96
CA HIS A 32 -2.09 13.13 18.26
C HIS A 32 -1.38 12.57 17.02
N GLY A 33 -2.06 11.63 16.39
CA GLY A 33 -1.53 11.02 15.19
C GLY A 33 -2.59 10.95 14.10
N PHE A 34 -2.40 9.96 13.25
CA PHE A 34 -3.27 9.76 12.08
C PHE A 34 -4.25 8.61 12.28
N PRO A 35 -5.52 8.77 11.85
CA PRO A 35 -6.14 9.93 11.19
C PRO A 35 -6.98 10.65 12.22
N GLN A 36 -6.31 11.29 13.16
CA GLN A 36 -7.03 11.99 14.24
C GLN A 36 -6.53 13.43 14.40
N ASN A 37 -6.78 14.03 15.57
CA ASN A 37 -6.37 15.40 15.85
C ASN A 37 -6.38 15.54 17.38
N LEU A 38 -6.19 16.74 17.91
CA LEU A 38 -6.09 16.91 19.34
C LEU A 38 -7.31 16.42 20.10
N HIS A 39 -8.42 16.23 19.40
CA HIS A 39 -9.60 15.72 20.12
C HIS A 39 -9.47 14.29 20.61
N MET A 40 -8.41 13.58 20.22
CA MET A 40 -8.24 12.23 20.77
C MET A 40 -7.92 12.35 22.26
N TRP A 41 -7.52 13.54 22.72
CA TRP A 41 -7.16 13.75 24.12
C TRP A 41 -8.31 14.36 24.92
N ALA A 42 -9.50 14.45 24.33
CA ALA A 42 -10.67 15.11 25.00
C ALA A 42 -10.97 14.57 26.39
N ARG A 43 -10.77 13.28 26.61
CA ARG A 43 -11.02 12.77 27.97
C ARG A 43 -9.72 12.68 28.79
N VAL A 44 -8.61 12.25 28.18
CA VAL A 44 -7.37 12.21 28.91
C VAL A 44 -6.88 13.59 29.45
N ALA A 45 -6.96 14.64 28.65
CA ALA A 45 -6.41 15.94 29.10
C ALA A 45 -7.07 16.49 30.38
N PRO A 46 -8.42 16.52 30.44
CA PRO A 46 -9.06 17.03 31.66
C PRO A 46 -8.65 16.24 32.90
N LEU A 47 -8.41 14.93 32.76
CA LEU A 47 -7.99 14.10 33.90
C LEU A 47 -6.62 14.47 34.41
N LEU A 48 -5.67 14.80 33.51
CA LEU A 48 -4.32 15.16 33.97
C LEU A 48 -4.18 16.65 34.30
N ALA A 49 -5.19 17.45 33.93
CA ALA A 49 -5.12 18.91 34.16
C ALA A 49 -5.16 19.27 35.64
N ASN A 50 -5.43 18.32 36.53
CA ASN A 50 -5.36 18.64 37.98
C ASN A 50 -3.90 18.70 38.43
N GLU A 51 -2.96 18.29 37.60
CA GLU A 51 -1.58 18.29 38.01
C GLU A 51 -0.59 18.82 37.00
N TYR A 52 -1.05 19.01 35.79
CA TYR A 52 -0.18 19.50 34.74
C TYR A 52 -0.88 20.57 33.99
N THR A 53 -0.10 21.47 33.37
CA THR A 53 -0.66 22.46 32.46
C THR A 53 -0.66 21.68 31.14
N VAL A 54 -1.84 21.21 30.75
CA VAL A 54 -1.94 20.35 29.57
C VAL A 54 -2.22 21.11 28.29
N VAL A 55 -1.34 20.91 27.31
CA VAL A 55 -1.53 21.53 26.00
C VAL A 55 -1.75 20.40 24.98
N CYS A 56 -2.87 20.46 24.27
CA CYS A 56 -3.15 19.44 23.21
C CYS A 56 -3.09 20.25 21.95
N ALA A 57 -2.20 19.85 21.05
CA ALA A 57 -2.03 20.60 19.82
C ALA A 57 -2.21 19.78 18.54
N ASP A 58 -2.62 20.44 17.46
CA ASP A 58 -2.78 19.80 16.16
C ASP A 58 -1.46 19.95 15.42
N LEU A 59 -0.98 18.85 14.84
CA LEU A 59 0.27 18.87 14.05
C LEU A 59 -0.01 19.61 12.75
N ARG A 60 1.06 20.15 12.14
CA ARG A 60 0.86 20.81 10.86
C ARG A 60 0.32 19.77 9.87
N GLY A 61 -0.64 20.21 9.05
CA GLY A 61 -1.29 19.32 8.11
C GLY A 61 -2.55 18.67 8.69
N TYR A 62 -2.81 18.86 9.99
CA TYR A 62 -3.95 18.21 10.64
C TYR A 62 -4.86 19.16 11.43
N GLY A 63 -6.09 18.71 11.71
CA GLY A 63 -7.01 19.46 12.54
C GLY A 63 -7.15 20.91 12.16
N GLY A 64 -6.93 21.79 13.14
CA GLY A 64 -7.03 23.22 12.88
C GLY A 64 -5.73 23.95 12.60
N SER A 65 -4.62 23.25 12.44
CA SER A 65 -3.33 23.91 12.20
C SER A 65 -3.10 24.20 10.71
N SER A 66 -2.08 25.00 10.37
CA SER A 66 -1.84 25.25 8.96
C SER A 66 -1.53 23.93 8.26
N LYS A 67 -1.94 23.91 6.98
CA LYS A 67 -1.73 22.80 6.08
C LYS A 67 -1.09 23.34 4.78
N PRO A 68 0.20 23.66 4.85
CA PRO A 68 0.83 24.19 3.61
C PRO A 68 0.94 23.13 2.54
N VAL A 69 1.10 23.59 1.31
CA VAL A 69 1.26 22.65 0.21
C VAL A 69 2.60 22.00 0.38
N GLY A 70 2.65 20.69 0.18
CA GLY A 70 3.91 20.00 0.39
C GLY A 70 4.95 20.33 -0.68
N ALA A 71 6.18 20.50 -0.25
CA ALA A 71 7.29 20.80 -1.20
C ALA A 71 7.63 19.52 -1.97
N PRO A 72 8.30 19.67 -3.14
CA PRO A 72 8.65 18.47 -3.88
C PRO A 72 9.50 17.47 -3.14
N ASP A 73 10.32 17.91 -2.17
CA ASP A 73 11.13 16.98 -1.41
C ASP A 73 10.50 16.67 -0.08
N HIS A 74 9.28 17.17 0.13
CA HIS A 74 8.49 16.90 1.34
C HIS A 74 9.10 17.40 2.63
N ALA A 75 10.14 18.24 2.54
CA ALA A 75 10.84 18.65 3.74
C ALA A 75 10.00 19.48 4.69
N ASN A 76 9.00 20.18 4.16
CA ASN A 76 8.14 20.99 5.04
C ASN A 76 7.14 20.14 5.83
N TYR A 77 7.25 18.83 5.69
CA TYR A 77 6.41 17.93 6.46
C TYR A 77 7.25 16.85 7.17
N SER A 78 8.55 17.08 7.32
CA SER A 78 9.33 16.14 8.06
C SER A 78 8.96 16.26 9.53
N PHE A 79 9.37 15.31 10.33
CA PHE A 79 9.08 15.37 11.76
C PHE A 79 9.93 16.47 12.36
N ARG A 80 11.05 16.85 11.71
CA ARG A 80 11.85 17.97 12.23
C ARG A 80 11.03 19.25 12.12
N ALA A 81 10.36 19.49 10.99
CA ALA A 81 9.55 20.66 10.83
C ALA A 81 8.33 20.59 11.74
N MET A 82 7.72 19.41 11.85
CA MET A 82 6.55 19.26 12.70
C MET A 82 6.93 19.46 14.17
N ALA A 83 8.11 18.99 14.56
CA ALA A 83 8.54 19.16 15.96
C ALA A 83 8.85 20.62 16.26
N SER A 84 9.51 21.29 15.31
CA SER A 84 9.87 22.69 15.49
C SER A 84 8.61 23.48 15.80
N ASP A 85 7.54 23.28 15.05
CA ASP A 85 6.29 24.01 15.31
C ASP A 85 5.83 23.84 16.74
N GLN A 86 5.86 22.61 17.22
CA GLN A 86 5.34 22.35 18.57
C GLN A 86 6.22 22.86 19.66
N ARG A 87 7.53 22.77 19.46
CA ARG A 87 8.43 23.31 20.46
C ARG A 87 8.26 24.85 20.53
N GLU A 88 8.11 25.49 19.37
CA GLU A 88 7.91 26.94 19.38
C GLU A 88 6.53 27.31 19.98
N LEU A 89 5.52 26.48 19.79
CA LEU A 89 4.21 26.70 20.38
C LEU A 89 4.36 26.75 21.87
N MET A 90 5.04 25.74 22.44
CA MET A 90 5.26 25.67 23.87
C MET A 90 6.06 26.90 24.36
N ARG A 91 7.11 27.26 23.63
CA ARG A 91 7.88 28.43 24.05
C ARG A 91 6.98 29.67 24.05
N THR A 92 6.08 29.78 23.08
CA THR A 92 5.21 30.94 23.00
C THR A 92 4.19 30.93 24.13
N LEU A 93 3.80 29.72 24.57
CA LEU A 93 2.83 29.63 25.62
C LEU A 93 3.54 29.81 26.91
N GLY A 94 4.85 29.99 26.86
CA GLY A 94 5.61 30.25 28.10
C GLY A 94 6.35 29.12 28.74
N PHE A 95 6.53 28.03 27.98
CA PHE A 95 7.17 26.86 28.50
C PHE A 95 8.40 26.54 27.67
N GLU A 96 9.55 26.73 28.27
CA GLU A 96 10.80 26.45 27.63
C GLU A 96 11.10 24.95 27.67
N ARG A 97 10.54 24.27 28.68
CA ARG A 97 10.75 22.84 28.80
C ARG A 97 9.40 22.24 29.17
N PHE A 98 9.21 20.99 28.77
CA PHE A 98 7.91 20.40 28.99
C PHE A 98 7.94 18.93 28.79
N HIS A 99 6.97 18.23 29.37
CA HIS A 99 6.88 16.76 29.20
C HIS A 99 6.16 16.55 27.88
N LEU A 100 6.44 15.46 27.20
CA LEU A 100 5.82 15.23 25.88
C LEU A 100 5.29 13.79 25.76
N VAL A 101 4.04 13.69 25.32
CA VAL A 101 3.38 12.38 25.07
C VAL A 101 2.90 12.44 23.62
N GLY A 102 3.28 11.46 22.82
CA GLY A 102 2.82 11.49 21.46
C GLY A 102 2.36 10.11 20.98
N HIS A 103 1.18 10.08 20.37
CA HIS A 103 0.66 8.86 19.77
C HIS A 103 0.84 8.88 18.23
N ASP A 104 1.29 7.76 17.68
CA ASP A 104 1.36 7.62 16.22
C ASP A 104 2.23 8.77 15.67
N ARG A 105 1.78 9.53 14.68
CA ARG A 105 2.64 10.61 14.13
C ARG A 105 3.17 11.49 15.24
N GLY A 106 2.34 11.73 16.25
CA GLY A 106 2.76 12.59 17.36
C GLY A 106 3.90 12.01 18.16
N GLY A 107 3.96 10.67 18.26
CA GLY A 107 5.08 10.03 18.94
C GLY A 107 6.34 10.18 18.08
N ARG A 108 6.17 10.07 16.76
CA ARG A 108 7.32 10.23 15.83
C ARG A 108 7.83 11.67 15.90
N THR A 109 6.92 12.62 15.98
CA THR A 109 7.31 14.03 16.14
C THR A 109 8.06 14.19 17.46
N GLY A 110 7.57 13.57 18.54
CA GLY A 110 8.23 13.69 19.81
C GLY A 110 9.63 13.09 19.84
N HIS A 111 9.83 11.99 19.13
CA HIS A 111 11.10 11.34 19.12
C HIS A 111 12.09 12.29 18.43
N ARG A 112 11.67 12.84 17.30
CA ARG A 112 12.52 13.77 16.58
C ARG A 112 12.78 15.02 17.42
N MET A 113 11.78 15.56 18.10
CA MET A 113 11.98 16.73 18.96
C MET A 113 13.01 16.48 20.04
N ALA A 114 13.00 15.31 20.67
CA ALA A 114 13.94 14.99 21.71
C ALA A 114 15.35 14.91 21.18
N LEU A 115 15.48 14.42 19.95
CA LEU A 115 16.82 14.37 19.35
C LEU A 115 17.28 15.77 18.92
N ASP A 116 16.38 16.57 18.38
CA ASP A 116 16.79 17.91 17.94
C ASP A 116 17.00 18.92 19.05
N HIS A 117 16.15 18.86 20.06
CA HIS A 117 16.21 19.82 21.16
C HIS A 117 16.06 19.08 22.49
N PRO A 118 17.09 18.29 22.82
CA PRO A 118 17.05 17.53 24.08
C PRO A 118 16.70 18.36 25.32
N ASP A 119 17.18 19.60 25.41
CA ASP A 119 16.88 20.38 26.58
C ASP A 119 15.49 20.77 26.75
N SER A 120 14.69 20.75 25.69
CA SER A 120 13.31 21.19 25.84
C SER A 120 12.37 20.09 26.31
N VAL A 121 12.76 18.82 26.11
CA VAL A 121 11.90 17.69 26.43
C VAL A 121 12.25 17.05 27.77
N LEU A 122 11.40 17.28 28.77
CA LEU A 122 11.62 16.74 30.13
C LEU A 122 11.44 15.23 30.22
N SER A 123 10.48 14.69 29.44
CA SER A 123 10.23 13.24 29.36
C SER A 123 9.48 13.00 28.06
N LEU A 124 9.57 11.77 27.57
CA LEU A 124 8.97 11.40 26.32
C LEU A 124 8.20 10.07 26.39
N ALA A 125 6.93 10.10 26.05
CA ALA A 125 6.15 8.88 25.99
C ALA A 125 5.75 8.69 24.54
N VAL A 126 6.08 7.53 23.98
CA VAL A 126 5.72 7.22 22.59
C VAL A 126 4.66 6.13 22.67
N LEU A 127 3.49 6.46 22.15
CA LEU A 127 2.33 5.55 22.21
C LEU A 127 2.09 4.80 20.93
N ASP A 128 2.15 3.48 21.10
CA ASP A 128 1.96 2.46 20.08
C ASP A 128 2.65 2.67 18.76
N ILE A 129 3.95 2.92 18.84
CA ILE A 129 4.77 3.04 17.66
C ILE A 129 6.12 2.41 17.83
N ILE A 130 6.69 1.94 16.72
CA ILE A 130 8.09 1.56 16.81
C ILE A 130 8.79 2.64 15.94
N PRO A 131 10.12 2.77 16.05
CA PRO A 131 10.82 3.78 15.27
C PRO A 131 10.53 3.77 13.80
N THR A 132 10.38 4.94 13.22
CA THR A 132 10.13 5.04 11.79
C THR A 132 11.21 4.29 10.97
N TYR A 133 12.46 4.42 11.38
CA TYR A 133 13.56 3.81 10.67
C TYR A 133 13.37 2.31 10.60
N VAL A 134 12.97 1.69 11.72
CA VAL A 134 12.76 0.23 11.76
C VAL A 134 11.58 -0.17 10.87
N MET A 135 10.49 0.60 10.93
CA MET A 135 9.32 0.32 10.10
C MET A 135 9.69 0.15 8.64
N PHE A 136 10.61 0.95 8.13
CA PHE A 136 11.00 0.87 6.72
C PHE A 136 12.18 -0.09 6.48
N GLU A 137 13.20 0.01 7.30
CA GLU A 137 14.39 -0.79 7.11
C GLU A 137 14.13 -2.28 7.29
N GLU A 138 13.19 -2.63 8.17
CA GLU A 138 12.90 -4.03 8.43
C GLU A 138 11.53 -4.44 7.90
N VAL A 139 11.06 -3.73 6.87
CA VAL A 139 9.78 -4.08 6.30
C VAL A 139 9.91 -5.45 5.63
N ASP A 140 8.83 -6.22 5.69
CA ASP A 140 8.72 -7.54 5.02
C ASP A 140 7.30 -7.66 4.53
N ARG A 141 6.92 -8.80 3.94
CA ARG A 141 5.59 -8.89 3.40
C ARG A 141 4.48 -8.69 4.41
N PHE A 142 4.73 -9.06 5.68
CA PHE A 142 3.71 -8.91 6.71
C PHE A 142 3.58 -7.45 7.16
N VAL A 143 4.72 -6.79 7.35
CA VAL A 143 4.71 -5.40 7.75
C VAL A 143 4.11 -4.49 6.68
N ALA A 144 4.47 -4.74 5.42
CA ALA A 144 3.94 -3.95 4.32
C ALA A 144 2.42 -4.15 4.17
N ARG A 145 1.91 -5.37 4.44
CA ARG A 145 0.48 -5.56 4.30
C ARG A 145 -0.25 -4.88 5.46
N ALA A 146 0.30 -5.02 6.66
CA ALA A 146 -0.35 -4.44 7.85
C ALA A 146 -0.34 -2.92 7.80
N TYR A 147 0.77 -2.40 7.29
CA TYR A 147 0.95 -0.96 7.17
C TYR A 147 0.93 -0.44 5.71
N TRP A 148 -0.01 -0.98 4.95
CA TRP A 148 -0.17 -0.66 3.55
C TRP A 148 -0.29 0.85 3.33
N HIS A 149 -0.88 1.59 4.27
CA HIS A 149 -1.06 3.01 4.03
C HIS A 149 0.26 3.78 4.05
N TRP A 150 1.30 3.20 4.65
CA TRP A 150 2.62 3.83 4.69
C TRP A 150 3.18 3.89 3.29
N TYR A 151 2.65 3.06 2.40
CA TYR A 151 3.11 3.02 1.00
C TYR A 151 2.12 3.68 0.05
N PHE A 152 0.83 3.51 0.26
CA PHE A 152 -0.18 4.17 -0.57
C PHE A 152 -0.06 5.70 -0.40
N LEU A 153 0.07 6.16 0.83
CA LEU A 153 0.12 7.61 1.04
C LEU A 153 1.35 8.29 0.53
N GLN A 154 2.38 7.51 0.20
CA GLN A 154 3.61 8.09 -0.37
C GLN A 154 3.47 8.32 -1.88
N GLN A 155 2.39 7.83 -2.51
CA GLN A 155 2.33 8.01 -3.98
C GLN A 155 2.26 9.52 -4.25
N PRO A 156 2.79 9.96 -5.39
CA PRO A 156 2.81 11.39 -5.70
C PRO A 156 1.50 12.10 -5.73
N ALA A 157 1.48 13.32 -5.20
CA ALA A 157 0.28 14.10 -5.29
C ALA A 157 0.00 14.34 -6.78
N PRO A 158 -1.28 14.49 -7.15
CA PRO A 158 -2.46 14.46 -6.28
C PRO A 158 -3.15 13.10 -6.25
N TYR A 159 -2.44 12.01 -6.51
CA TYR A 159 -3.16 10.74 -6.58
C TYR A 159 -3.84 10.28 -5.30
N PRO A 160 -3.10 10.12 -4.19
CA PRO A 160 -3.79 9.68 -2.97
C PRO A 160 -4.87 10.71 -2.60
N GLU A 161 -4.56 11.98 -2.80
CA GLU A 161 -5.52 13.03 -2.44
C GLU A 161 -6.86 12.86 -3.16
N LYS A 162 -6.81 12.51 -4.44
CA LYS A 162 -8.01 12.35 -5.22
C LYS A 162 -8.71 11.05 -4.89
N VAL A 163 -7.95 9.99 -4.68
CA VAL A 163 -8.57 8.71 -4.30
C VAL A 163 -9.31 8.87 -2.94
N ILE A 164 -8.60 9.44 -1.96
CA ILE A 164 -9.21 9.65 -0.65
C ILE A 164 -10.37 10.61 -0.73
N GLY A 165 -10.18 11.70 -1.46
CA GLY A 165 -11.24 12.68 -1.52
C GLY A 165 -12.56 12.25 -2.11
N ALA A 166 -12.55 11.20 -2.90
CA ALA A 166 -13.79 10.73 -3.51
C ALA A 166 -14.74 10.21 -2.42
N ASP A 167 -14.21 9.77 -1.28
CA ASP A 167 -15.02 9.28 -0.12
C ASP A 167 -14.09 9.18 1.08
N PRO A 168 -13.82 10.33 1.70
CA PRO A 168 -12.91 10.27 2.83
C PRO A 168 -13.36 9.49 4.03
N ASP A 169 -14.64 9.47 4.33
CA ASP A 169 -15.09 8.73 5.51
C ASP A 169 -14.80 7.26 5.33
N THR A 170 -15.07 6.73 4.13
CA THR A 170 -14.78 5.31 3.93
C THR A 170 -13.29 5.04 4.08
N PHE A 171 -12.47 5.88 3.42
CA PHE A 171 -11.04 5.68 3.47
C PHE A 171 -10.43 5.73 4.88
N TYR A 172 -10.77 6.78 5.64
CA TYR A 172 -10.17 6.92 6.96
C TYR A 172 -10.75 6.00 8.01
N GLU A 173 -12.02 5.62 7.83
CA GLU A 173 -12.62 4.71 8.78
C GLU A 173 -11.89 3.39 8.69
N GLY A 174 -11.43 3.04 7.50
CA GLY A 174 -10.64 1.83 7.35
C GLY A 174 -9.35 1.87 8.11
N CYS A 175 -8.76 3.07 8.20
CA CYS A 175 -7.49 3.27 8.91
C CYS A 175 -7.69 3.33 10.41
N LEU A 176 -8.88 3.72 10.82
CA LEU A 176 -9.20 3.91 12.21
C LEU A 176 -9.84 2.67 12.85
N PHE A 177 -10.86 2.09 12.19
CA PHE A 177 -11.57 0.96 12.75
C PHE A 177 -10.78 -0.29 12.56
N GLY A 178 -9.92 -0.25 11.55
CA GLY A 178 -9.13 -1.44 11.23
C GLY A 178 -10.10 -2.58 10.81
N TRP A 179 -9.57 -3.79 10.78
CA TRP A 179 -10.34 -4.97 10.37
C TRP A 179 -11.00 -5.89 11.41
N GLY A 180 -10.82 -5.66 12.73
CA GLY A 180 -11.47 -6.53 13.72
C GLY A 180 -12.99 -6.33 13.76
N ALA A 181 -13.78 -7.36 14.16
CA ALA A 181 -15.26 -7.20 14.20
C ALA A 181 -15.67 -6.18 15.34
N THR A 182 -14.77 -5.94 16.30
CA THR A 182 -15.02 -4.96 17.34
C THR A 182 -14.93 -3.59 16.62
N GLY A 183 -13.83 -3.39 15.84
CA GLY A 183 -13.57 -2.20 14.98
C GLY A 183 -14.04 -0.77 15.29
N ALA A 184 -15.31 -0.46 15.09
CA ALA A 184 -15.86 0.87 15.45
C ALA A 184 -16.39 0.99 16.93
N ASP A 185 -16.66 -0.14 17.57
CA ASP A 185 -17.11 -0.04 18.96
C ASP A 185 -16.09 0.63 19.91
N GLY A 186 -16.56 1.29 20.93
CA GLY A 186 -15.55 1.88 21.79
C GLY A 186 -15.21 3.33 21.46
N PHE A 187 -15.22 3.80 20.21
CA PHE A 187 -14.92 5.24 20.05
C PHE A 187 -16.00 6.10 20.68
N ASP A 188 -15.62 7.19 21.34
CA ASP A 188 -16.61 8.10 21.90
C ASP A 188 -17.25 8.78 20.68
N PRO A 189 -18.57 8.89 20.62
CA PRO A 189 -19.19 9.52 19.44
C PRO A 189 -18.78 10.93 19.12
N GLU A 190 -18.57 11.72 20.17
CA GLU A 190 -18.20 13.11 20.02
C GLU A 190 -16.78 13.22 19.44
N GLN A 191 -15.87 12.42 19.94
CA GLN A 191 -14.49 12.49 19.44
C GLN A 191 -14.47 11.95 18.04
N LEU A 192 -15.22 10.90 17.79
CA LEU A 192 -15.25 10.34 16.43
C LEU A 192 -15.75 11.36 15.43
N GLU A 193 -16.75 12.17 15.76
CA GLU A 193 -17.19 13.16 14.83
C GLU A 193 -16.10 14.21 14.58
N GLU A 194 -15.27 14.48 15.58
CA GLU A 194 -14.23 15.47 15.35
C GLU A 194 -13.21 14.89 14.35
N TYR A 195 -12.95 13.59 14.42
CA TYR A 195 -12.00 13.04 13.46
C TYR A 195 -12.62 13.21 12.06
N ARG A 196 -13.88 12.82 11.91
CA ARG A 196 -14.60 12.89 10.62
C ARG A 196 -14.69 14.28 10.01
N LYS A 197 -15.07 15.25 10.84
CA LYS A 197 -15.27 16.57 10.31
C LYS A 197 -13.97 17.15 9.83
N GLN A 198 -12.93 16.86 10.56
CA GLN A 198 -11.67 17.46 10.25
C GLN A 198 -10.91 16.77 9.16
N TRP A 199 -11.13 15.47 8.99
CA TRP A 199 -10.46 14.81 7.93
C TRP A 199 -11.07 15.05 6.50
N ARG A 200 -12.34 15.49 6.38
CA ARG A 200 -12.99 15.79 5.10
C ARG A 200 -12.39 17.06 4.45
N ASP A 201 -11.54 17.79 5.18
CA ASP A 201 -10.91 19.00 4.65
C ASP A 201 -9.81 18.56 3.66
N PRO A 202 -9.94 18.94 2.38
CA PRO A 202 -8.92 18.51 1.40
C PRO A 202 -7.53 19.01 1.74
N ALA A 203 -7.43 20.08 2.50
CA ALA A 203 -6.13 20.56 2.81
C ALA A 203 -5.48 19.64 3.85
N ALA A 204 -6.32 19.01 4.66
CA ALA A 204 -5.84 18.09 5.66
C ALA A 204 -5.55 16.74 4.95
N ILE A 205 -6.32 16.41 3.91
CA ILE A 205 -6.03 15.15 3.19
C ILE A 205 -4.63 15.33 2.60
N HIS A 206 -4.38 16.50 2.04
CA HIS A 206 -3.07 16.72 1.48
C HIS A 206 -1.93 16.75 2.51
N GLY A 207 -2.15 17.46 3.60
CA GLY A 207 -1.12 17.57 4.62
C GLY A 207 -0.71 16.22 5.21
N SER A 208 -1.69 15.37 5.51
CA SER A 208 -1.34 14.08 6.05
C SER A 208 -0.63 13.22 5.01
N CYS A 209 -1.04 13.31 3.75
CA CYS A 209 -0.28 12.54 2.74
C CYS A 209 1.17 13.03 2.72
N CYS A 210 1.37 14.36 2.83
CA CYS A 210 2.76 14.87 2.80
C CYS A 210 3.60 14.38 3.99
N ASP A 211 2.97 14.26 5.16
CA ASP A 211 3.64 13.75 6.34
C ASP A 211 4.16 12.33 6.00
N TYR A 212 3.33 11.52 5.33
CA TYR A 212 3.76 10.15 4.99
C TYR A 212 4.83 10.14 3.88
N ARG A 213 4.75 11.08 2.95
CA ARG A 213 5.79 11.17 1.93
C ARG A 213 7.12 11.51 2.57
N ALA A 214 7.09 12.44 3.53
CA ALA A 214 8.29 12.77 4.22
C ALA A 214 8.82 11.60 5.04
N GLY A 215 7.90 10.86 5.66
CA GLY A 215 8.31 9.75 6.50
C GLY A 215 9.24 8.77 5.83
N GLY A 216 8.91 8.46 4.58
CA GLY A 216 9.69 7.49 3.84
C GLY A 216 10.90 8.05 3.11
N THR A 217 11.13 9.34 3.25
CA THR A 217 12.24 9.96 2.54
C THR A 217 13.09 10.76 3.51
N ILE A 218 12.78 12.04 3.67
CA ILE A 218 13.55 12.93 4.54
C ILE A 218 13.64 12.44 5.97
N ASP A 219 12.54 11.94 6.53
CA ASP A 219 12.59 11.47 7.91
C ASP A 219 13.47 10.24 8.05
N PHE A 220 13.36 9.34 7.09
CA PHE A 220 14.16 8.15 7.11
C PHE A 220 15.67 8.53 7.09
N GLU A 221 16.04 9.48 6.21
CA GLU A 221 17.43 9.86 6.11
C GLU A 221 17.90 10.55 7.36
N LEU A 222 17.06 11.41 7.94
CA LEU A 222 17.44 12.10 9.20
C LEU A 222 17.62 11.06 10.29
N ASP A 223 16.67 10.11 10.40
CA ASP A 223 16.76 9.12 11.45
C ASP A 223 18.01 8.27 11.26
N HIS A 224 18.32 7.96 10.01
CA HIS A 224 19.51 7.17 9.72
C HIS A 224 20.74 7.85 10.27
N GLY A 225 20.82 9.15 10.02
CA GLY A 225 21.98 9.89 10.47
C GLY A 225 22.14 9.98 11.96
N ASP A 226 21.07 9.67 12.70
CA ASP A 226 21.11 9.79 14.14
C ASP A 226 21.18 8.46 14.89
N LEU A 227 21.38 7.38 14.15
CA LEU A 227 21.46 6.06 14.78
C LEU A 227 22.57 5.96 15.83
N GLY A 228 23.56 6.83 15.77
CA GLY A 228 24.55 6.72 16.82
C GLY A 228 24.21 7.46 18.12
N ARG A 229 22.95 7.92 18.25
CA ARG A 229 22.47 8.72 19.40
C ARG A 229 21.26 8.17 20.10
N GLN A 230 21.11 8.52 21.38
CA GLN A 230 19.94 8.07 22.16
C GLN A 230 19.29 9.28 22.81
N VAL A 231 17.98 9.17 23.02
CA VAL A 231 17.19 10.17 23.74
C VAL A 231 17.64 9.95 25.21
N GLN A 232 18.00 11.03 25.92
CA GLN A 232 18.48 10.89 27.29
C GLN A 232 17.46 11.09 28.40
N CYS A 233 16.36 11.81 28.17
CA CYS A 233 15.34 12.02 29.23
C CYS A 233 14.58 10.73 29.47
N PRO A 234 13.88 10.61 30.61
CA PRO A 234 13.11 9.40 30.89
C PRO A 234 12.10 9.27 29.76
N ALA A 235 11.93 8.02 29.31
CA ALA A 235 11.03 7.75 28.22
C ALA A 235 10.14 6.59 28.56
N LEU A 236 8.93 6.60 27.99
CA LEU A 236 7.94 5.55 28.17
C LEU A 236 7.53 4.97 26.80
N VAL A 237 7.60 3.65 26.64
CA VAL A 237 7.15 2.99 25.41
C VAL A 237 5.81 2.36 25.89
N PHE A 238 4.69 2.88 25.39
CA PHE A 238 3.33 2.54 25.85
C PHE A 238 2.54 1.99 24.65
N SER A 239 2.29 0.67 24.67
CA SER A 239 1.68 0.01 23.55
C SER A 239 0.28 -0.58 23.83
N GLY A 240 -0.45 -0.87 22.77
CA GLY A 240 -1.76 -1.51 22.86
C GLY A 240 -1.38 -2.98 22.71
N SER A 241 -1.46 -3.76 23.77
CA SER A 241 -0.98 -5.14 23.71
C SER A 241 -1.76 -6.06 22.83
N ALA A 242 -2.98 -5.68 22.46
CA ALA A 242 -3.83 -6.51 21.58
C ALA A 242 -3.73 -6.04 20.11
N GLY A 243 -2.85 -5.07 19.86
CA GLY A 243 -2.66 -4.52 18.54
C GLY A 243 -1.66 -5.19 17.59
N LEU A 244 -1.76 -4.83 16.32
CA LEU A 244 -0.84 -5.36 15.29
C LEU A 244 0.66 -5.06 15.54
N MET A 245 0.98 -3.87 16.05
CA MET A 245 2.37 -3.54 16.27
C MET A 245 2.99 -4.43 17.35
N HIS A 246 2.31 -4.55 18.52
CA HIS A 246 2.82 -5.34 19.66
C HIS A 246 3.08 -6.76 19.14
N SER A 247 2.35 -7.13 18.07
CA SER A 247 2.42 -8.47 17.47
C SER A 247 3.45 -8.72 16.40
N LEU A 248 4.00 -7.67 15.79
CA LEU A 248 5.00 -7.90 14.78
C LEU A 248 6.39 -7.55 15.23
N PHE A 249 6.51 -6.79 16.32
CA PHE A 249 7.82 -6.33 16.80
C PHE A 249 7.88 -6.47 18.29
N GLU A 250 9.10 -6.54 18.80
CA GLU A 250 9.39 -6.62 20.26
C GLU A 250 9.80 -5.17 20.64
N MET A 251 9.01 -4.56 21.50
CA MET A 251 9.27 -3.17 21.94
C MET A 251 10.67 -2.92 22.48
N GLN A 252 11.13 -3.79 23.39
CA GLN A 252 12.47 -3.69 23.95
C GLN A 252 13.53 -3.61 22.89
N VAL A 253 13.41 -4.51 21.93
CA VAL A 253 14.35 -4.64 20.86
C VAL A 253 14.46 -3.50 19.91
N VAL A 254 13.33 -2.91 19.55
CA VAL A 254 13.40 -1.81 18.59
C VAL A 254 13.65 -0.49 19.27
N TRP A 255 13.34 -0.37 20.57
CA TRP A 255 13.52 0.91 21.26
C TRP A 255 14.74 1.08 22.14
N ALA A 256 15.26 -0.04 22.63
CA ALA A 256 16.40 0.00 23.52
C ALA A 256 17.57 0.76 22.91
N PRO A 257 17.80 0.59 21.60
CA PRO A 257 18.90 1.31 21.00
C PRO A 257 18.71 2.83 20.90
N ARG A 258 17.47 3.28 21.03
CA ARG A 258 17.14 4.71 20.87
C ARG A 258 16.94 5.52 22.15
N LEU A 259 16.70 4.78 23.23
CA LEU A 259 16.35 5.38 24.51
C LEU A 259 17.28 4.96 25.61
N ALA A 260 17.95 5.95 26.21
CA ALA A 260 18.89 5.67 27.32
C ALA A 260 18.18 5.35 28.65
N ASN A 261 16.94 5.83 28.82
CA ASN A 261 16.21 5.63 30.08
C ASN A 261 14.77 5.27 29.70
N MET A 262 14.56 3.97 29.55
CA MET A 262 13.32 3.40 29.05
C MET A 262 12.47 2.60 30.02
N ARG A 263 11.18 2.91 30.06
CA ARG A 263 10.22 2.14 30.86
C ARG A 263 9.14 1.68 29.87
N PHE A 264 8.39 0.62 30.21
CA PHE A 264 7.33 0.10 29.34
C PHE A 264 5.98 0.05 30.03
N ALA A 265 4.91 0.15 29.26
CA ALA A 265 3.56 0.00 29.80
C ALA A 265 2.67 -0.43 28.66
N SER A 266 1.55 -1.06 28.96
CA SER A 266 0.65 -1.44 27.89
C SER A 266 -0.75 -1.45 28.45
N LEU A 267 -1.72 -1.34 27.56
CA LEU A 267 -3.13 -1.46 27.90
C LEU A 267 -3.63 -2.51 26.90
N PRO A 268 -4.63 -3.33 27.27
CA PRO A 268 -5.16 -4.38 26.39
C PRO A 268 -6.06 -3.94 25.29
N GLY A 269 -5.58 -2.99 24.48
CA GLY A 269 -6.36 -2.49 23.37
C GLY A 269 -5.48 -2.49 22.12
N GLY A 270 -6.03 -1.94 21.04
CA GLY A 270 -5.30 -1.88 19.78
C GLY A 270 -4.53 -0.57 19.61
N HIS A 271 -4.27 -0.22 18.36
CA HIS A 271 -3.52 0.99 18.10
C HIS A 271 -4.23 2.24 18.63
N PHE A 272 -5.55 2.25 18.64
CA PHE A 272 -6.26 3.42 19.12
C PHE A 272 -6.79 3.23 20.54
N PHE A 273 -5.96 2.61 21.36
CA PHE A 273 -6.34 2.31 22.73
C PHE A 273 -6.69 3.55 23.54
N VAL A 274 -6.11 4.71 23.22
CA VAL A 274 -6.49 5.91 24.00
C VAL A 274 -7.98 6.23 23.90
N ASP A 275 -8.57 5.97 22.75
CA ASP A 275 -9.97 6.22 22.56
C ASP A 275 -10.84 5.30 23.43
N ARG A 276 -10.39 4.07 23.60
CA ARG A 276 -11.17 3.15 24.41
C ARG A 276 -10.80 3.10 25.87
N PHE A 277 -9.61 3.57 26.24
CA PHE A 277 -9.21 3.49 27.64
C PHE A 277 -8.73 4.87 28.14
N PRO A 278 -9.60 5.89 28.07
CA PRO A 278 -9.13 7.20 28.55
C PRO A 278 -8.65 7.29 29.97
N ASP A 279 -9.45 6.75 30.87
CA ASP A 279 -9.08 6.84 32.26
C ASP A 279 -7.82 6.08 32.58
N ASP A 280 -7.68 4.86 32.07
CA ASP A 280 -6.49 4.11 32.34
C ASP A 280 -5.25 4.68 31.64
N THR A 281 -5.48 5.34 30.50
CA THR A 281 -4.36 5.97 29.80
C THR A 281 -3.89 7.11 30.69
N ALA A 282 -4.84 7.89 31.20
CA ALA A 282 -4.42 8.97 32.09
C ALA A 282 -3.70 8.45 33.33
N ARG A 283 -4.12 7.33 33.87
CA ARG A 283 -3.49 6.77 35.04
C ARG A 283 -2.03 6.38 34.81
N ILE A 284 -1.77 5.65 33.72
CA ILE A 284 -0.43 5.22 33.38
C ILE A 284 0.47 6.41 33.06
N LEU A 285 -0.07 7.39 32.33
CA LEU A 285 0.72 8.59 32.02
C LEU A 285 1.07 9.31 33.33
N ARG A 286 0.11 9.45 34.23
CA ARG A 286 0.35 10.15 35.50
C ARG A 286 1.43 9.44 36.31
N GLU A 287 1.36 8.11 36.40
CA GLU A 287 2.38 7.33 37.11
C GLU A 287 3.77 7.51 36.45
N PHE A 288 3.85 7.43 35.11
CA PHE A 288 5.13 7.64 34.47
C PHE A 288 5.67 9.07 34.70
N LEU A 289 4.82 10.08 34.54
CA LEU A 289 5.27 11.47 34.72
C LEU A 289 5.78 11.68 36.13
N SER A 290 5.12 11.01 37.09
CA SER A 290 5.57 11.10 38.49
C SER A 290 6.96 10.47 38.59
N ASP A 291 7.13 9.30 37.95
CA ASP A 291 8.41 8.54 37.97
C ASP A 291 9.45 9.50 37.33
N ALA A 292 9.10 9.99 36.16
CA ALA A 292 10.04 10.89 35.43
C ALA A 292 10.54 12.05 36.29
N ARG A 293 9.60 12.77 36.95
CA ARG A 293 9.94 13.90 37.79
C ARG A 293 10.71 13.50 39.04
N SER A 294 10.45 12.33 39.61
CA SER A 294 11.20 11.87 40.80
C SER A 294 12.73 11.92 40.66
N MET B 1 -12.48 -3.77 -33.32
CA MET B 1 -11.26 -4.49 -32.86
C MET B 1 -11.46 -6.00 -33.07
N PHE B 2 -10.38 -6.74 -33.28
CA PHE B 2 -10.42 -8.20 -33.45
C PHE B 2 -11.28 -8.65 -34.64
N GLU B 3 -11.24 -7.84 -35.68
CA GLU B 3 -11.97 -8.14 -36.90
C GLU B 3 -11.61 -9.54 -37.41
N GLY B 4 -12.67 -10.30 -37.70
CA GLY B 4 -12.49 -11.66 -38.17
C GLY B 4 -12.37 -12.68 -37.03
N PHE B 5 -12.15 -12.21 -35.81
CA PHE B 5 -12.05 -13.15 -34.68
C PHE B 5 -13.45 -13.55 -34.25
N GLU B 6 -13.60 -14.75 -33.68
CA GLU B 6 -14.90 -15.15 -33.21
C GLU B 6 -14.97 -14.86 -31.72
N ARG B 7 -16.10 -14.32 -31.26
CA ARG B 7 -16.31 -14.03 -29.84
C ARG B 7 -16.89 -15.28 -29.18
N ARG B 8 -16.27 -15.77 -28.10
CA ARG B 8 -16.84 -16.93 -27.42
C ARG B 8 -16.90 -16.78 -25.93
N LEU B 9 -18.00 -17.21 -25.30
CA LEU B 9 -18.17 -17.22 -23.86
C LEU B 9 -18.21 -18.75 -23.60
N VAL B 10 -17.20 -19.26 -22.95
CA VAL B 10 -17.10 -20.71 -22.77
C VAL B 10 -17.20 -21.23 -21.36
N ASP B 11 -18.15 -22.14 -21.08
CA ASP B 11 -18.24 -22.65 -19.71
C ASP B 11 -17.11 -23.63 -19.49
N VAL B 12 -16.35 -23.45 -18.42
CA VAL B 12 -15.25 -24.36 -18.16
C VAL B 12 -15.39 -25.16 -16.87
N GLY B 13 -16.53 -25.05 -16.26
CA GLY B 13 -16.64 -25.78 -15.01
C GLY B 13 -17.59 -24.95 -14.25
N ASP B 14 -17.09 -24.25 -13.24
CA ASP B 14 -17.98 -23.39 -12.45
C ASP B 14 -17.90 -21.94 -12.88
N VAL B 15 -17.06 -21.63 -13.87
CA VAL B 15 -17.00 -20.26 -14.37
C VAL B 15 -17.13 -20.24 -15.88
N THR B 16 -17.39 -19.07 -16.42
CA THR B 16 -17.49 -18.93 -17.87
C THR B 16 -16.35 -17.97 -18.26
N ILE B 17 -15.59 -18.32 -19.30
CA ILE B 17 -14.47 -17.49 -19.71
C ILE B 17 -14.80 -16.80 -21.03
N ASN B 18 -14.56 -15.50 -21.08
CA ASN B 18 -14.80 -14.68 -22.27
C ASN B 18 -13.52 -14.68 -23.06
N CYS B 19 -13.60 -14.85 -24.37
CA CYS B 19 -12.42 -14.88 -25.19
C CYS B 19 -12.76 -14.57 -26.64
N VAL B 20 -11.71 -14.34 -27.44
CA VAL B 20 -11.84 -14.14 -28.88
C VAL B 20 -10.87 -15.11 -29.51
N VAL B 21 -11.21 -15.66 -30.68
CA VAL B 21 -10.34 -16.63 -31.31
C VAL B 21 -10.19 -16.30 -32.78
N GLY B 22 -8.96 -16.28 -33.27
CA GLY B 22 -8.74 -15.95 -34.68
C GLY B 22 -7.47 -16.56 -35.23
N GLY B 23 -7.33 -16.61 -36.55
CA GLY B 23 -6.12 -17.14 -37.09
C GLY B 23 -6.20 -18.61 -37.45
N SER B 24 -5.03 -19.14 -37.72
CA SER B 24 -4.86 -20.55 -38.08
C SER B 24 -3.44 -20.90 -37.77
N GLY B 25 -3.21 -22.19 -37.53
CA GLY B 25 -1.86 -22.61 -37.17
C GLY B 25 -1.83 -23.05 -35.72
N PRO B 26 -0.65 -23.30 -35.14
CA PRO B 26 -0.58 -23.73 -33.72
C PRO B 26 -1.33 -22.77 -32.81
N ALA B 27 -1.87 -23.26 -31.70
CA ALA B 27 -2.65 -22.44 -30.77
C ALA B 27 -1.71 -21.59 -29.92
N LEU B 28 -2.13 -20.35 -29.72
CA LEU B 28 -1.35 -19.40 -28.94
C LEU B 28 -2.37 -18.70 -28.04
N LEU B 29 -2.19 -18.82 -26.73
CA LEU B 29 -3.10 -18.19 -25.76
C LEU B 29 -2.39 -16.95 -25.18
N LEU B 30 -3.05 -15.80 -25.31
CA LEU B 30 -2.48 -14.54 -24.80
C LEU B 30 -3.31 -14.15 -23.56
N LEU B 31 -2.64 -13.98 -22.40
CA LEU B 31 -3.32 -13.60 -21.14
C LEU B 31 -2.85 -12.26 -20.62
N HIS B 32 -3.82 -11.38 -20.42
CA HIS B 32 -3.67 -10.02 -19.96
C HIS B 32 -3.45 -9.97 -18.46
N GLY B 33 -3.23 -8.76 -17.96
CA GLY B 33 -3.02 -8.57 -16.54
C GLY B 33 -3.84 -7.40 -16.02
N PHE B 34 -3.37 -6.81 -14.95
CA PHE B 34 -4.04 -5.72 -14.27
C PHE B 34 -3.49 -4.35 -14.64
N PRO B 35 -4.36 -3.34 -14.84
CA PRO B 35 -5.84 -3.33 -14.78
C PRO B 35 -6.40 -3.31 -16.20
N GLN B 36 -6.18 -4.44 -16.86
CA GLN B 36 -6.58 -4.57 -18.25
C GLN B 36 -7.41 -5.86 -18.49
N ASN B 37 -7.55 -6.23 -19.77
CA ASN B 37 -8.33 -7.41 -20.16
C ASN B 37 -7.87 -7.83 -21.53
N LEU B 38 -8.61 -8.72 -22.19
CA LEU B 38 -8.13 -9.22 -23.46
C LEU B 38 -7.86 -8.18 -24.53
N HIS B 39 -8.45 -6.98 -24.34
CA HIS B 39 -8.25 -5.91 -25.31
C HIS B 39 -6.85 -5.32 -25.36
N MET B 40 -5.99 -5.66 -24.41
CA MET B 40 -4.63 -5.19 -24.50
C MET B 40 -4.00 -5.89 -25.71
N TRP B 41 -4.61 -6.96 -26.24
CA TRP B 41 -4.02 -7.70 -27.36
C TRP B 41 -4.69 -7.35 -28.69
N ALA B 42 -5.54 -6.34 -28.71
CA ALA B 42 -6.26 -6.02 -29.95
C ALA B 42 -5.37 -5.75 -31.15
N ARG B 43 -4.16 -5.22 -30.95
CA ARG B 43 -3.33 -5.02 -32.14
C ARG B 43 -2.34 -6.18 -32.32
N VAL B 44 -1.80 -6.70 -31.23
CA VAL B 44 -0.86 -7.80 -31.33
C VAL B 44 -1.51 -9.09 -31.91
N ALA B 45 -2.70 -9.43 -31.43
CA ALA B 45 -3.35 -10.69 -31.89
C ALA B 45 -3.56 -10.75 -33.41
N PRO B 46 -4.17 -9.72 -34.05
CA PRO B 46 -4.35 -9.84 -35.51
C PRO B 46 -3.03 -9.97 -36.25
N LEU B 47 -1.95 -9.40 -35.76
CA LEU B 47 -0.68 -9.52 -36.44
C LEU B 47 -0.22 -10.96 -36.41
N LEU B 48 -0.34 -11.62 -35.26
CA LEU B 48 0.12 -13.01 -35.14
C LEU B 48 -0.81 -14.07 -35.73
N ALA B 49 -2.03 -13.68 -36.03
CA ALA B 49 -3.02 -14.63 -36.52
C ALA B 49 -2.73 -15.15 -37.91
N ASN B 50 -1.73 -14.60 -38.59
CA ASN B 50 -1.39 -15.13 -39.92
C ASN B 50 -0.63 -16.43 -39.78
N GLU B 51 -0.18 -16.77 -38.57
CA GLU B 51 0.60 -17.98 -38.38
C GLU B 51 0.19 -18.81 -37.16
N TYR B 52 -0.66 -18.25 -36.32
CA TYR B 52 -1.14 -18.96 -35.13
C TYR B 52 -2.63 -18.86 -34.96
N THR B 53 -3.22 -19.85 -34.29
CA THR B 53 -4.63 -19.72 -33.95
C THR B 53 -4.53 -18.99 -32.60
N VAL B 54 -4.89 -17.72 -32.61
CA VAL B 54 -4.73 -16.88 -31.43
C VAL B 54 -5.98 -16.77 -30.60
N VAL B 55 -5.87 -17.14 -29.31
CA VAL B 55 -6.95 -17.03 -28.36
C VAL B 55 -6.54 -15.96 -27.32
N CYS B 56 -7.36 -14.94 -27.19
CA CYS B 56 -7.12 -13.91 -26.16
C CYS B 56 -8.28 -14.08 -25.22
N ALA B 57 -7.98 -14.34 -23.95
CA ALA B 57 -9.00 -14.60 -22.94
C ALA B 57 -8.96 -13.70 -21.72
N ASP B 58 -10.11 -13.49 -21.10
CA ASP B 58 -10.19 -12.69 -19.87
C ASP B 58 -10.03 -13.63 -18.69
N LEU B 59 -9.17 -13.25 -17.73
CA LEU B 59 -8.95 -14.07 -16.53
C LEU B 59 -10.21 -13.97 -15.64
N ARG B 60 -10.44 -14.99 -14.83
CA ARG B 60 -11.58 -14.88 -13.94
C ARG B 60 -11.36 -13.63 -13.05
N GLY B 61 -12.44 -12.89 -12.90
CA GLY B 61 -12.42 -11.66 -12.12
C GLY B 61 -12.26 -10.45 -13.01
N TYR B 62 -12.00 -10.63 -14.29
CA TYR B 62 -11.75 -9.57 -15.25
C TYR B 62 -12.59 -9.57 -16.53
N GLY B 63 -12.65 -8.42 -17.20
CA GLY B 63 -13.30 -8.36 -18.50
C GLY B 63 -14.67 -8.95 -18.52
N GLY B 64 -14.90 -9.87 -19.45
CA GLY B 64 -16.23 -10.46 -19.53
C GLY B 64 -16.34 -11.83 -18.92
N SER B 65 -15.32 -12.28 -18.19
CA SER B 65 -15.37 -13.62 -17.58
C SER B 65 -16.10 -13.58 -16.24
N SER B 66 -16.45 -14.75 -15.71
CA SER B 66 -17.10 -14.81 -14.41
C SER B 66 -16.23 -14.15 -13.35
N LYS B 67 -16.92 -13.55 -12.38
CA LYS B 67 -16.30 -12.89 -11.26
C LYS B 67 -16.96 -13.32 -9.97
N PRO B 68 -16.67 -14.56 -9.53
CA PRO B 68 -17.28 -15.03 -8.27
C PRO B 68 -16.87 -14.20 -7.07
N VAL B 69 -17.67 -14.27 -6.01
CA VAL B 69 -17.33 -13.57 -4.78
C VAL B 69 -16.14 -14.34 -4.21
N GLY B 70 -15.12 -13.62 -3.75
CA GLY B 70 -13.96 -14.28 -3.21
C GLY B 70 -14.25 -15.05 -1.92
N ALA B 71 -13.64 -16.21 -1.84
CA ALA B 71 -13.81 -17.02 -0.63
C ALA B 71 -12.96 -16.41 0.48
N PRO B 72 -13.27 -16.74 1.75
CA PRO B 72 -12.49 -16.17 2.84
C PRO B 72 -11.01 -16.43 2.77
N ASP B 73 -10.63 -17.58 2.22
CA ASP B 73 -9.22 -17.93 2.04
C ASP B 73 -8.65 -17.57 0.67
N HIS B 74 -9.48 -16.89 -0.13
CA HIS B 74 -9.10 -16.43 -1.47
C HIS B 74 -8.73 -17.52 -2.41
N ALA B 75 -8.96 -18.78 -2.06
CA ALA B 75 -8.53 -19.85 -2.95
C ALA B 75 -9.15 -19.85 -4.33
N ASN B 76 -10.38 -19.35 -4.48
CA ASN B 76 -11.02 -19.32 -5.80
C ASN B 76 -10.45 -18.23 -6.72
N TYR B 77 -9.42 -17.52 -6.24
CA TYR B 77 -8.74 -16.55 -7.08
C TYR B 77 -7.23 -16.83 -7.11
N SER B 78 -6.79 -18.04 -6.76
CA SER B 78 -5.38 -18.36 -6.82
C SER B 78 -4.96 -18.45 -8.30
N PHE B 79 -3.66 -18.39 -8.56
CA PHE B 79 -3.21 -18.55 -9.94
C PHE B 79 -3.44 -19.98 -10.38
N ARG B 80 -3.54 -20.90 -9.44
CA ARG B 80 -3.85 -22.30 -9.79
C ARG B 80 -5.27 -22.38 -10.36
N ALA B 81 -6.23 -21.71 -9.71
CA ALA B 81 -7.61 -21.69 -10.19
C ALA B 81 -7.69 -20.91 -11.48
N MET B 82 -7.02 -19.76 -11.55
CA MET B 82 -7.08 -18.96 -12.78
C MET B 82 -6.46 -19.72 -13.97
N ALA B 83 -5.38 -20.45 -13.72
CA ALA B 83 -4.72 -21.25 -14.76
C ALA B 83 -5.58 -22.42 -15.19
N SER B 84 -6.23 -23.08 -14.22
CA SER B 84 -7.07 -24.21 -14.56
C SER B 84 -8.16 -23.76 -15.58
N ASP B 85 -8.77 -22.61 -15.32
CA ASP B 85 -9.80 -22.08 -16.20
C ASP B 85 -9.27 -21.92 -17.60
N GLN B 86 -8.08 -21.34 -17.75
CA GLN B 86 -7.58 -21.10 -19.09
C GLN B 86 -7.12 -22.36 -19.80
N ARG B 87 -6.58 -23.31 -19.08
CA ARG B 87 -6.17 -24.56 -19.72
C ARG B 87 -7.43 -25.30 -20.17
N GLU B 88 -8.50 -25.25 -19.38
CA GLU B 88 -9.74 -25.95 -19.79
C GLU B 88 -10.40 -25.24 -20.97
N LEU B 89 -10.27 -23.92 -21.01
CA LEU B 89 -10.81 -23.14 -22.13
C LEU B 89 -10.16 -23.65 -23.40
N MET B 90 -8.84 -23.74 -23.40
CA MET B 90 -8.09 -24.20 -24.58
C MET B 90 -8.50 -25.62 -24.98
N ARG B 91 -8.66 -26.48 -24.01
CA ARG B 91 -9.07 -27.86 -24.31
C ARG B 91 -10.45 -27.86 -24.97
N THR B 92 -11.37 -27.07 -24.45
CA THR B 92 -12.73 -26.97 -24.99
C THR B 92 -12.70 -26.38 -26.41
N LEU B 93 -11.76 -25.45 -26.65
CA LEU B 93 -11.67 -24.87 -27.96
C LEU B 93 -10.98 -25.83 -28.90
N GLY B 94 -10.55 -26.97 -28.38
CA GLY B 94 -9.92 -27.97 -29.23
C GLY B 94 -8.42 -28.15 -29.20
N PHE B 95 -7.78 -27.45 -28.28
CA PHE B 95 -6.34 -27.51 -28.21
C PHE B 95 -5.83 -28.10 -26.89
N GLU B 96 -5.23 -29.30 -26.90
CA GLU B 96 -4.70 -29.95 -25.67
C GLU B 96 -3.35 -29.33 -25.27
N ARG B 97 -2.68 -28.75 -26.25
CA ARG B 97 -1.38 -28.12 -26.01
C ARG B 97 -1.35 -26.82 -26.78
N PHE B 98 -0.67 -25.84 -26.18
CA PHE B 98 -0.60 -24.52 -26.82
C PHE B 98 0.55 -23.70 -26.30
N HIS B 99 0.91 -22.67 -27.07
CA HIS B 99 1.95 -21.72 -26.64
C HIS B 99 1.23 -20.72 -25.74
N LEU B 100 1.95 -20.18 -24.77
CA LEU B 100 1.32 -19.28 -23.83
C LEU B 100 2.13 -18.01 -23.62
N VAL B 101 1.46 -16.87 -23.68
CA VAL B 101 2.14 -15.57 -23.45
C VAL B 101 1.29 -14.86 -22.40
N GLY B 102 1.92 -14.42 -21.31
CA GLY B 102 1.16 -13.71 -20.31
C GLY B 102 1.85 -12.47 -19.81
N HIS B 103 1.06 -11.42 -19.65
CA HIS B 103 1.60 -10.18 -19.10
C HIS B 103 1.01 -9.94 -17.72
N ASP B 104 1.85 -9.48 -16.79
CA ASP B 104 1.37 -9.13 -15.45
C ASP B 104 0.61 -10.34 -14.84
N ARG B 105 -0.63 -10.18 -14.37
CA ARG B 105 -1.30 -11.35 -13.76
C ARG B 105 -1.33 -12.53 -14.69
N GLY B 106 -1.40 -12.24 -15.98
CA GLY B 106 -1.47 -13.32 -16.97
C GLY B 106 -0.17 -14.10 -17.06
N GLY B 107 0.96 -13.45 -16.84
CA GLY B 107 2.22 -14.15 -16.84
C GLY B 107 2.32 -15.00 -15.57
N ARG B 108 1.75 -14.52 -14.48
CA ARG B 108 1.78 -15.30 -13.22
C ARG B 108 0.89 -16.52 -13.39
N THR B 109 -0.24 -16.32 -14.06
CA THR B 109 -1.14 -17.42 -14.35
C THR B 109 -0.39 -18.43 -15.22
N GLY B 110 0.37 -17.94 -16.20
CA GLY B 110 1.13 -18.83 -17.07
C GLY B 110 2.21 -19.62 -16.38
N HIS B 111 2.91 -18.99 -15.45
CA HIS B 111 3.96 -19.68 -14.73
C HIS B 111 3.33 -20.85 -13.95
N ARG B 112 2.28 -20.55 -13.19
CA ARG B 112 1.57 -21.58 -12.44
C ARG B 112 0.98 -22.68 -13.36
N MET B 113 0.45 -22.32 -14.55
CA MET B 113 -0.09 -23.34 -15.43
C MET B 113 1.04 -24.27 -15.91
N ALA B 114 2.21 -23.70 -16.19
CA ALA B 114 3.31 -24.55 -16.65
C ALA B 114 3.80 -25.47 -15.53
N LEU B 115 3.75 -25.00 -14.27
CA LEU B 115 4.13 -25.88 -13.14
C LEU B 115 3.08 -26.98 -12.87
N ASP B 116 1.80 -26.61 -12.98
CA ASP B 116 0.74 -27.56 -12.70
C ASP B 116 0.48 -28.54 -13.85
N HIS B 117 0.63 -28.11 -15.11
CA HIS B 117 0.33 -28.96 -16.27
C HIS B 117 1.38 -28.72 -17.33
N PRO B 118 2.61 -29.13 -17.03
CA PRO B 118 3.67 -28.92 -18.00
C PRO B 118 3.43 -29.42 -19.41
N ASP B 119 2.67 -30.49 -19.57
CA ASP B 119 2.46 -31.02 -20.89
C ASP B 119 1.56 -30.15 -21.74
N SER B 120 0.74 -29.30 -21.12
CA SER B 120 -0.16 -28.46 -21.91
C SER B 120 0.49 -27.21 -22.47
N VAL B 121 1.60 -26.78 -21.89
CA VAL B 121 2.24 -25.53 -22.31
C VAL B 121 3.45 -25.80 -23.13
N LEU B 122 3.33 -25.51 -24.44
CA LEU B 122 4.43 -25.72 -25.38
C LEU B 122 5.59 -24.74 -25.21
N SER B 123 5.28 -23.49 -24.81
CA SER B 123 6.33 -22.47 -24.57
C SER B 123 5.65 -21.46 -23.66
N LEU B 124 6.45 -20.70 -22.94
CA LEU B 124 5.91 -19.73 -21.98
C LEU B 124 6.66 -18.42 -22.07
N ALA B 125 5.94 -17.33 -22.32
CA ALA B 125 6.54 -16.00 -22.35
C ALA B 125 5.93 -15.24 -21.18
N VAL B 126 6.78 -14.75 -20.29
CA VAL B 126 6.32 -13.96 -19.15
C VAL B 126 6.72 -12.51 -19.41
N LEU B 127 5.72 -11.66 -19.51
CA LEU B 127 5.95 -10.25 -19.85
C LEU B 127 5.94 -9.29 -18.66
N ASP B 128 7.09 -8.63 -18.49
CA ASP B 128 7.35 -7.63 -17.45
C ASP B 128 6.94 -8.01 -16.05
N ILE B 129 7.35 -9.20 -15.63
CA ILE B 129 7.07 -9.63 -14.26
C ILE B 129 8.25 -10.33 -13.68
N ILE B 130 8.41 -10.21 -12.37
CA ILE B 130 9.40 -11.06 -11.75
C ILE B 130 8.47 -11.98 -10.91
N PRO B 131 8.94 -13.18 -10.53
CA PRO B 131 8.11 -14.14 -9.77
C PRO B 131 7.41 -13.59 -8.55
N THR B 132 6.17 -14.00 -8.36
CA THR B 132 5.37 -13.57 -7.21
C THR B 132 6.10 -13.80 -5.89
N TYR B 133 6.77 -14.93 -5.78
CA TYR B 133 7.45 -15.26 -4.55
C TYR B 133 8.50 -14.24 -4.22
N VAL B 134 9.29 -13.87 -5.24
CA VAL B 134 10.35 -12.89 -5.05
C VAL B 134 9.76 -11.54 -4.70
N MET B 135 8.69 -11.15 -5.38
CA MET B 135 8.08 -9.86 -5.10
C MET B 135 7.80 -9.69 -3.61
N PHE B 136 7.39 -10.76 -2.96
CA PHE B 136 7.04 -10.70 -1.53
C PHE B 136 8.21 -11.07 -0.61
N GLU B 137 8.94 -12.13 -0.92
CA GLU B 137 10.04 -12.52 -0.05
C GLU B 137 11.16 -11.47 0.00
N GLU B 138 11.40 -10.79 -1.11
CA GLU B 138 12.46 -9.78 -1.17
C GLU B 138 11.93 -8.36 -1.15
N VAL B 139 10.73 -8.17 -0.61
CA VAL B 139 10.23 -6.79 -0.56
C VAL B 139 11.12 -5.95 0.38
N ASP B 140 11.29 -4.67 0.02
CA ASP B 140 12.00 -3.73 0.89
C ASP B 140 11.25 -2.42 0.79
N ARG B 141 11.77 -1.35 1.38
CA ARG B 141 11.01 -0.13 1.34
C ARG B 141 10.77 0.50 -0.06
N PHE B 142 11.69 0.20 -0.98
CA PHE B 142 11.61 0.70 -2.32
C PHE B 142 10.60 -0.13 -3.09
N VAL B 143 10.68 -1.45 -2.94
CA VAL B 143 9.72 -2.34 -3.63
C VAL B 143 8.28 -2.12 -3.17
N ALA B 144 8.09 -2.00 -1.86
CA ALA B 144 6.76 -1.77 -1.35
C ALA B 144 6.19 -0.44 -1.82
N ARG B 145 7.02 0.59 -1.93
CA ARG B 145 6.55 1.86 -2.39
C ARG B 145 6.19 1.79 -3.87
N ALA B 146 7.03 1.12 -4.66
CA ALA B 146 6.77 1.05 -6.09
C ALA B 146 5.53 0.19 -6.42
N TYR B 147 5.34 -0.86 -5.62
CA TYR B 147 4.22 -1.81 -5.80
C TYR B 147 3.24 -1.71 -4.64
N TRP B 148 2.97 -0.48 -4.24
CA TRP B 148 2.05 -0.19 -3.15
C TRP B 148 0.72 -0.91 -3.32
N HIS B 149 0.26 -1.09 -4.56
CA HIS B 149 -1.06 -1.71 -4.73
C HIS B 149 -1.09 -3.19 -4.36
N TRP B 150 0.07 -3.82 -4.32
CA TRP B 150 0.14 -5.22 -3.95
C TRP B 150 -0.25 -5.34 -2.49
N TYR B 151 -0.16 -4.24 -1.76
CA TYR B 151 -0.52 -4.25 -0.33
C TYR B 151 -1.89 -3.65 -0.04
N PHE B 152 -2.22 -2.55 -0.68
CA PHE B 152 -3.55 -1.93 -0.55
C PHE B 152 -4.61 -2.94 -1.03
N LEU B 153 -4.40 -3.59 -2.16
CA LEU B 153 -5.44 -4.48 -2.68
C LEU B 153 -5.66 -5.73 -1.88
N GLN B 154 -4.74 -6.04 -0.98
CA GLN B 154 -4.90 -7.19 -0.08
C GLN B 154 -5.77 -6.87 1.12
N GLN B 155 -6.13 -5.60 1.33
CA GLN B 155 -6.95 -5.31 2.54
C GLN B 155 -8.30 -6.04 2.44
N PRO B 156 -8.85 -6.46 3.60
CA PRO B 156 -10.12 -7.20 3.55
C PRO B 156 -11.29 -6.55 2.86
N ALA B 157 -12.07 -7.36 2.15
CA ALA B 157 -13.26 -6.84 1.51
C ALA B 157 -14.20 -6.38 2.64
N PRO B 158 -15.02 -5.36 2.40
CA PRO B 158 -15.18 -4.59 1.17
C PRO B 158 -14.37 -3.29 1.14
N TYR B 159 -13.30 -3.15 1.92
CA TYR B 159 -12.63 -1.84 1.98
C TYR B 159 -12.05 -1.32 0.65
N PRO B 160 -11.11 -2.06 0.04
CA PRO B 160 -10.56 -1.55 -1.22
C PRO B 160 -11.68 -1.36 -2.23
N GLU B 161 -12.63 -2.29 -2.23
CA GLU B 161 -13.74 -2.20 -3.15
C GLU B 161 -14.50 -0.89 -3.02
N LYS B 162 -14.77 -0.45 -1.79
CA LYS B 162 -15.51 0.79 -1.64
C LYS B 162 -14.65 2.01 -1.92
N VAL B 163 -13.36 1.96 -1.56
CA VAL B 163 -12.47 3.09 -1.83
C VAL B 163 -12.36 3.28 -3.36
N ILE B 164 -12.07 2.19 -4.06
CA ILE B 164 -11.93 2.22 -5.50
C ILE B 164 -13.26 2.60 -6.12
N GLY B 165 -14.33 1.99 -5.62
CA GLY B 165 -15.66 2.24 -6.15
C GLY B 165 -16.12 3.71 -6.19
N ALA B 166 -15.59 4.53 -5.28
CA ALA B 166 -15.98 5.95 -5.23
C ALA B 166 -15.47 6.75 -6.43
N ASP B 167 -14.40 6.30 -7.06
CA ASP B 167 -13.88 6.94 -8.27
C ASP B 167 -12.94 5.96 -8.98
N PRO B 168 -13.52 4.97 -9.68
CA PRO B 168 -12.67 4.01 -10.36
C PRO B 168 -11.69 4.56 -11.38
N ASP B 169 -12.14 5.52 -12.18
CA ASP B 169 -11.28 6.06 -13.17
C ASP B 169 -10.05 6.68 -12.54
N THR B 170 -10.21 7.47 -11.48
CA THR B 170 -8.99 8.04 -10.91
C THR B 170 -8.06 6.94 -10.37
N PHE B 171 -8.65 5.94 -9.71
CA PHE B 171 -7.83 4.90 -9.09
C PHE B 171 -7.03 4.09 -10.12
N TYR B 172 -7.74 3.55 -11.12
CA TYR B 172 -7.06 2.72 -12.10
C TYR B 172 -6.18 3.48 -13.08
N GLU B 173 -6.50 4.74 -13.35
CA GLU B 173 -5.64 5.51 -14.24
C GLU B 173 -4.29 5.66 -13.57
N GLY B 174 -4.27 5.79 -12.24
CA GLY B 174 -2.97 5.90 -11.62
C GLY B 174 -2.19 4.60 -11.74
N CYS B 175 -2.92 3.49 -11.77
CA CYS B 175 -2.30 2.18 -11.91
C CYS B 175 -1.83 1.92 -13.33
N LEU B 176 -2.52 2.50 -14.31
CA LEU B 176 -2.19 2.29 -15.70
C LEU B 176 -1.24 3.37 -16.22
N PHE B 177 -1.50 4.62 -15.91
CA PHE B 177 -0.65 5.66 -16.49
C PHE B 177 0.64 5.88 -15.73
N GLY B 178 0.59 5.61 -14.44
CA GLY B 178 1.74 5.83 -13.60
C GLY B 178 1.88 7.32 -13.31
N TRP B 179 3.05 7.67 -12.76
CA TRP B 179 3.35 9.03 -12.33
C TRP B 179 4.20 9.86 -13.26
N GLY B 180 4.71 9.27 -14.34
CA GLY B 180 5.57 10.03 -15.23
C GLY B 180 4.75 11.01 -16.05
N ALA B 181 5.47 12.04 -16.54
CA ALA B 181 4.91 13.10 -17.39
C ALA B 181 4.16 12.60 -18.65
N THR B 182 4.69 11.59 -19.31
CA THR B 182 4.05 11.05 -20.54
C THR B 182 3.09 9.87 -20.25
N GLY B 183 2.77 9.76 -18.94
CA GLY B 183 1.91 8.73 -18.39
C GLY B 183 0.76 8.20 -19.24
N ALA B 184 -0.18 9.06 -19.66
CA ALA B 184 -1.39 8.71 -20.45
C ALA B 184 -1.19 8.68 -21.96
N ASP B 185 -0.06 9.20 -22.39
CA ASP B 185 0.06 9.20 -23.82
C ASP B 185 0.48 7.93 -24.45
N GLY B 186 -0.07 7.72 -25.64
CA GLY B 186 0.27 6.55 -26.39
C GLY B 186 -0.65 5.35 -26.16
N PHE B 187 -1.76 5.46 -25.40
CA PHE B 187 -2.67 4.30 -25.28
C PHE B 187 -3.70 4.41 -26.40
N ASP B 188 -3.98 3.31 -27.10
CA ASP B 188 -5.04 3.39 -28.13
C ASP B 188 -6.37 3.73 -27.47
N PRO B 189 -7.09 4.73 -27.97
CA PRO B 189 -8.37 5.11 -27.38
C PRO B 189 -9.40 3.97 -27.27
N GLU B 190 -9.49 3.14 -28.31
CA GLU B 190 -10.45 2.05 -28.29
C GLU B 190 -10.15 1.04 -27.20
N GLN B 191 -8.87 0.69 -27.09
CA GLN B 191 -8.46 -0.28 -26.05
C GLN B 191 -8.67 0.39 -24.68
N LEU B 192 -8.31 1.65 -24.56
CA LEU B 192 -8.49 2.32 -23.26
C LEU B 192 -9.94 2.32 -22.84
N GLU B 193 -10.87 2.56 -23.77
CA GLU B 193 -12.28 2.53 -23.38
C GLU B 193 -12.72 1.17 -22.84
N GLU B 194 -12.15 0.08 -23.38
CA GLU B 194 -12.45 -1.24 -22.89
C GLU B 194 -11.85 -1.48 -21.51
N TYR B 195 -10.67 -0.91 -21.24
CA TYR B 195 -10.15 -1.08 -19.90
C TYR B 195 -11.08 -0.33 -18.96
N ARG B 196 -11.53 0.87 -19.36
CA ARG B 196 -12.40 1.68 -18.50
C ARG B 196 -13.72 1.03 -18.15
N LYS B 197 -14.33 0.31 -19.11
CA LYS B 197 -15.59 -0.37 -18.81
C LYS B 197 -15.40 -1.34 -17.63
N GLN B 198 -14.25 -2.02 -17.61
CA GLN B 198 -13.88 -2.92 -16.53
C GLN B 198 -13.61 -2.15 -15.23
N TRP B 199 -12.85 -1.08 -15.31
CA TRP B 199 -12.59 -0.27 -14.11
C TRP B 199 -13.86 0.11 -13.33
N ARG B 200 -14.92 0.40 -14.06
CA ARG B 200 -16.15 0.82 -13.46
C ARG B 200 -17.08 -0.30 -13.06
N ASP B 201 -16.71 -1.54 -13.38
CA ASP B 201 -17.57 -2.69 -13.06
C ASP B 201 -17.28 -3.15 -11.62
N PRO B 202 -18.24 -2.98 -10.68
CA PRO B 202 -18.00 -3.41 -9.28
C PRO B 202 -17.59 -4.86 -9.15
N ALA B 203 -18.07 -5.70 -10.05
CA ALA B 203 -17.71 -7.10 -9.88
C ALA B 203 -16.26 -7.37 -10.28
N ALA B 204 -15.75 -6.55 -11.19
CA ALA B 204 -14.34 -6.68 -11.62
C ALA B 204 -13.47 -6.02 -10.55
N ILE B 205 -13.97 -4.94 -9.92
CA ILE B 205 -13.22 -4.29 -8.83
C ILE B 205 -13.00 -5.37 -7.77
N HIS B 206 -14.08 -6.07 -7.43
CA HIS B 206 -13.93 -7.15 -6.45
C HIS B 206 -13.04 -8.31 -6.93
N GLY B 207 -13.27 -8.76 -8.15
CA GLY B 207 -12.47 -9.88 -8.66
C GLY B 207 -10.97 -9.61 -8.63
N SER B 208 -10.55 -8.44 -9.13
CA SER B 208 -9.15 -8.13 -9.12
C SER B 208 -8.58 -7.99 -7.71
N CYS B 209 -9.35 -7.41 -6.80
CA CYS B 209 -8.87 -7.32 -5.44
C CYS B 209 -8.65 -8.73 -4.93
N CYS B 210 -9.57 -9.66 -5.24
CA CYS B 210 -9.39 -11.02 -4.73
C CYS B 210 -8.18 -11.71 -5.32
N ASP B 211 -7.85 -11.39 -6.58
CA ASP B 211 -6.66 -11.92 -7.23
C ASP B 211 -5.47 -11.48 -6.37
N TYR B 212 -5.43 -10.20 -5.99
CA TYR B 212 -4.31 -9.72 -5.15
C TYR B 212 -4.31 -10.32 -3.73
N ARG B 213 -5.48 -10.56 -3.16
CA ARG B 213 -5.53 -11.18 -1.85
C ARG B 213 -4.96 -12.58 -1.92
N ALA B 214 -5.32 -13.32 -2.97
CA ALA B 214 -4.76 -14.66 -3.15
C ALA B 214 -3.25 -14.61 -3.42
N GLY B 215 -2.81 -13.64 -4.23
CA GLY B 215 -1.39 -13.58 -4.52
C GLY B 215 -0.49 -13.51 -3.31
N GLY B 216 -0.95 -12.76 -2.30
CA GLY B 216 -0.20 -12.60 -1.06
C GLY B 216 -0.37 -13.71 -0.05
N THR B 217 -1.26 -14.63 -0.34
CA THR B 217 -1.50 -15.72 0.59
C THR B 217 -1.33 -17.10 -0.07
N ILE B 218 -2.40 -17.64 -0.66
CA ILE B 218 -2.43 -18.97 -1.29
C ILE B 218 -1.34 -19.11 -2.34
N ASP B 219 -1.21 -18.09 -3.21
CA ASP B 219 -0.22 -18.16 -4.28
C ASP B 219 1.20 -18.17 -3.78
N PHE B 220 1.49 -17.34 -2.80
CA PHE B 220 2.83 -17.32 -2.21
C PHE B 220 3.16 -18.68 -1.60
N GLU B 221 2.18 -19.28 -0.91
CA GLU B 221 2.42 -20.56 -0.30
C GLU B 221 2.62 -21.68 -1.31
N LEU B 222 1.80 -21.72 -2.35
CA LEU B 222 1.96 -22.70 -3.42
C LEU B 222 3.35 -22.55 -4.08
N ASP B 223 3.71 -21.31 -4.39
CA ASP B 223 5.00 -21.04 -5.01
C ASP B 223 6.14 -21.48 -4.10
N HIS B 224 6.03 -21.20 -2.80
CA HIS B 224 7.07 -21.62 -1.87
C HIS B 224 7.28 -23.14 -1.97
N GLY B 225 6.18 -23.87 -2.00
CA GLY B 225 6.32 -25.31 -2.10
C GLY B 225 7.00 -25.79 -3.37
N ASP B 226 6.99 -24.97 -4.43
CA ASP B 226 7.60 -25.39 -5.69
C ASP B 226 8.98 -24.83 -5.95
N LEU B 227 9.57 -24.16 -4.97
CA LEU B 227 10.92 -23.66 -5.18
C LEU B 227 11.86 -24.81 -5.52
N GLY B 228 12.71 -24.58 -6.51
CA GLY B 228 13.64 -25.59 -6.95
C GLY B 228 13.17 -26.26 -8.24
N ARG B 229 11.87 -26.24 -8.51
CA ARG B 229 11.34 -26.79 -9.74
C ARG B 229 11.49 -25.77 -10.84
N GLN B 230 11.94 -26.20 -12.00
CA GLN B 230 12.02 -25.29 -13.11
C GLN B 230 11.05 -25.73 -14.19
N VAL B 231 10.44 -24.76 -14.85
CA VAL B 231 9.59 -25.06 -15.99
C VAL B 231 10.61 -25.51 -17.08
N GLN B 232 10.26 -26.54 -17.83
CA GLN B 232 11.20 -27.09 -18.80
C GLN B 232 11.05 -26.63 -20.22
N CYS B 233 9.88 -26.18 -20.63
CA CYS B 233 9.67 -25.77 -22.03
C CYS B 233 10.41 -24.50 -22.34
N PRO B 234 10.54 -24.16 -23.62
CA PRO B 234 11.25 -22.92 -23.94
C PRO B 234 10.47 -21.76 -23.31
N ALA B 235 11.21 -20.83 -22.68
CA ALA B 235 10.59 -19.67 -22.01
C ALA B 235 11.26 -18.37 -22.47
N LEU B 236 10.46 -17.31 -22.45
CA LEU B 236 10.95 -15.98 -22.80
C LEU B 236 10.63 -15.02 -21.66
N VAL B 237 11.63 -14.29 -21.19
CA VAL B 237 11.45 -13.26 -20.14
C VAL B 237 11.55 -11.97 -20.96
N PHE B 238 10.41 -11.33 -21.15
CA PHE B 238 10.26 -10.19 -22.05
C PHE B 238 9.90 -8.95 -21.21
N SER B 239 10.83 -7.99 -21.11
CA SER B 239 10.57 -6.86 -20.23
C SER B 239 10.58 -5.48 -20.85
N GLY B 240 10.01 -4.53 -20.11
CA GLY B 240 10.02 -3.14 -20.59
C GLY B 240 11.24 -2.54 -19.90
N SER B 241 12.27 -2.21 -20.67
CA SER B 241 13.51 -1.78 -20.04
C SER B 241 13.48 -0.40 -19.45
N ALA B 242 12.48 0.41 -19.80
CA ALA B 242 12.40 1.76 -19.24
C ALA B 242 11.54 1.75 -17.98
N GLY B 243 11.10 0.58 -17.56
CA GLY B 243 10.22 0.50 -16.40
C GLY B 243 10.85 0.29 -15.04
N LEU B 244 9.99 0.43 -14.01
CA LEU B 244 10.36 0.22 -12.60
C LEU B 244 10.91 -1.14 -12.31
N MET B 245 10.21 -2.18 -12.75
CA MET B 245 10.65 -3.53 -12.47
C MET B 245 12.12 -3.74 -12.82
N HIS B 246 12.40 -3.52 -14.11
CA HIS B 246 13.75 -3.68 -14.70
C HIS B 246 14.74 -2.93 -13.78
N SER B 247 14.27 -1.85 -13.16
CA SER B 247 15.13 -1.05 -12.27
C SER B 247 15.41 -1.57 -10.88
N LEU B 248 14.56 -2.43 -10.33
CA LEU B 248 14.74 -2.95 -8.97
C LEU B 248 15.23 -4.40 -8.92
N PHE B 249 15.08 -5.13 -10.03
CA PHE B 249 15.46 -6.52 -10.04
C PHE B 249 16.22 -6.83 -11.32
N GLU B 250 16.93 -7.95 -11.30
CA GLU B 250 17.68 -8.43 -12.45
C GLU B 250 16.94 -9.67 -12.96
N MET B 251 16.42 -9.57 -14.18
CA MET B 251 15.63 -10.69 -14.74
C MET B 251 16.34 -12.04 -14.67
N GLN B 252 17.62 -12.08 -15.04
CA GLN B 252 18.39 -13.31 -15.01
C GLN B 252 18.39 -13.95 -13.63
N VAL B 253 18.65 -13.14 -12.63
CA VAL B 253 18.73 -13.63 -11.27
C VAL B 253 17.43 -14.19 -10.71
N VAL B 254 16.32 -13.55 -10.99
CA VAL B 254 15.06 -14.00 -10.39
C VAL B 254 14.40 -15.12 -11.20
N TRP B 255 14.66 -15.20 -12.49
CA TRP B 255 14.01 -16.24 -13.27
C TRP B 255 14.82 -17.48 -13.50
N ALA B 256 16.15 -17.34 -13.48
CA ALA B 256 16.98 -18.54 -13.73
C ALA B 256 16.60 -19.76 -12.87
N PRO B 257 16.29 -19.56 -11.58
CA PRO B 257 15.95 -20.76 -10.81
C PRO B 257 14.56 -21.33 -11.05
N ARG B 258 13.82 -20.67 -11.92
CA ARG B 258 12.47 -21.09 -12.24
C ARG B 258 12.27 -21.61 -13.69
N LEU B 259 13.22 -21.27 -14.58
CA LEU B 259 13.10 -21.60 -16.01
C LEU B 259 14.38 -22.24 -16.49
N ALA B 260 14.26 -23.50 -16.92
CA ALA B 260 15.41 -24.28 -17.38
C ALA B 260 15.84 -23.92 -18.81
N ASN B 261 14.97 -23.32 -19.60
CA ASN B 261 15.34 -22.95 -20.99
C ASN B 261 14.87 -21.51 -21.16
N MET B 262 15.78 -20.60 -20.85
CA MET B 262 15.45 -19.19 -20.79
C MET B 262 16.08 -18.26 -21.82
N ARG B 263 15.23 -17.48 -22.44
CA ARG B 263 15.72 -16.44 -23.39
C ARG B 263 15.17 -15.09 -22.92
N PHE B 264 15.80 -14.00 -23.37
CA PHE B 264 15.42 -12.63 -22.99
C PHE B 264 15.13 -11.74 -24.16
N ALA B 265 14.27 -10.77 -23.91
CA ALA B 265 13.93 -9.74 -24.90
C ALA B 265 13.39 -8.57 -24.15
N SER B 266 13.56 -7.37 -24.73
CA SER B 266 13.00 -6.16 -24.12
C SER B 266 12.66 -5.13 -25.18
N LEU B 267 11.83 -4.21 -24.76
CA LEU B 267 11.43 -3.09 -25.55
C LEU B 267 11.62 -1.91 -24.63
N PRO B 268 11.97 -0.75 -25.20
CA PRO B 268 12.21 0.46 -24.42
C PRO B 268 10.98 1.20 -23.92
N GLY B 269 10.13 0.49 -23.17
CA GLY B 269 8.92 1.07 -22.65
C GLY B 269 8.81 0.62 -21.21
N GLY B 270 7.66 0.96 -20.62
CA GLY B 270 7.38 0.61 -19.25
C GLY B 270 6.64 -0.68 -19.09
N HIS B 271 5.95 -0.80 -17.97
CA HIS B 271 5.24 -2.03 -17.68
C HIS B 271 4.17 -2.31 -18.70
N PHE B 272 3.58 -1.28 -19.30
CA PHE B 272 2.52 -1.51 -20.28
C PHE B 272 3.01 -1.30 -21.71
N PHE B 273 4.21 -1.80 -21.95
CA PHE B 273 4.81 -1.64 -23.27
C PHE B 273 3.99 -2.22 -24.39
N VAL B 274 3.19 -3.25 -24.13
CA VAL B 274 2.41 -3.81 -25.23
C VAL B 274 1.47 -2.77 -25.86
N ASP B 275 0.96 -1.86 -25.04
CA ASP B 275 0.04 -0.84 -25.52
C ASP B 275 0.73 0.13 -26.40
N ARG B 276 2.00 0.37 -26.11
CA ARG B 276 2.80 1.32 -26.87
C ARG B 276 3.60 0.78 -28.01
N PHE B 277 3.86 -0.52 -27.99
CA PHE B 277 4.66 -1.17 -29.02
C PHE B 277 3.99 -2.44 -29.56
N PRO B 278 2.76 -2.35 -30.08
CA PRO B 278 2.11 -3.56 -30.58
C PRO B 278 2.86 -4.28 -31.67
N ASP B 279 3.32 -3.54 -32.69
CA ASP B 279 4.02 -4.20 -33.80
C ASP B 279 5.32 -4.86 -33.38
N ASP B 280 6.09 -4.22 -32.52
CA ASP B 280 7.34 -4.79 -32.11
C ASP B 280 7.16 -5.93 -31.11
N THR B 281 6.06 -5.87 -30.33
CA THR B 281 5.77 -6.97 -29.40
C THR B 281 5.45 -8.21 -30.26
N ALA B 282 4.62 -8.02 -31.28
CA ALA B 282 4.31 -9.15 -32.13
C ALA B 282 5.56 -9.68 -32.82
N ARG B 283 6.44 -8.78 -33.26
CA ARG B 283 7.65 -9.23 -33.92
C ARG B 283 8.47 -10.10 -32.98
N ILE B 284 8.70 -9.63 -31.74
CA ILE B 284 9.49 -10.38 -30.78
C ILE B 284 8.82 -11.70 -30.39
N LEU B 285 7.52 -11.68 -30.19
CA LEU B 285 6.83 -12.94 -29.85
C LEU B 285 6.93 -13.92 -31.04
N ARG B 286 6.83 -13.41 -32.25
CA ARG B 286 6.91 -14.31 -33.43
C ARG B 286 8.28 -14.93 -33.52
N GLU B 287 9.32 -14.16 -33.25
CA GLU B 287 10.67 -14.67 -33.32
C GLU B 287 10.86 -15.74 -32.23
N PHE B 288 10.40 -15.45 -31.02
CA PHE B 288 10.54 -16.40 -29.95
C PHE B 288 9.79 -17.71 -30.23
N LEU B 289 8.56 -17.59 -30.71
CA LEU B 289 7.72 -18.78 -30.99
C LEU B 289 8.38 -19.63 -32.06
N SER B 290 8.93 -18.97 -33.06
CA SER B 290 9.62 -19.72 -34.10
C SER B 290 10.80 -20.49 -33.48
N ASP B 291 11.57 -19.82 -32.64
CA ASP B 291 12.73 -20.41 -31.98
C ASP B 291 12.27 -21.60 -31.14
N ALA B 292 11.16 -21.40 -30.44
CA ALA B 292 10.61 -22.43 -29.57
C ALA B 292 10.29 -23.67 -30.38
N ARG B 293 9.50 -23.49 -31.44
CA ARG B 293 9.07 -24.59 -32.30
C ARG B 293 10.22 -25.32 -33.01
N SER B 294 11.24 -24.57 -33.40
CA SER B 294 12.38 -25.10 -34.13
C SER B 294 13.15 -26.13 -33.30
#